data_5HWK
#
_entry.id   5HWK
#
_cell.length_a   41.779
_cell.length_b   62.019
_cell.length_c   61.695
_cell.angle_alpha   113.71
_cell.angle_beta   89.89
_cell.angle_gamma   101.80
#
_symmetry.space_group_name_H-M   'P 1'
#
loop_
_entity.id
_entity.type
_entity.pdbx_description
1 polymer 'Glutathione-specific gamma-glutamylcyclotransferase'
2 non-polymer 'BENZOIC ACID'
3 non-polymer 'PHOSPHATE ION'
4 water water
#
_entity_poly.entity_id   1
_entity_poly.type   'polypeptide(L)'
_entity_poly.pdbx_seq_one_letter_code
;MTNDNSGIWVLGYGSLIYKPPSHYTHRIPAIIHGFARRFWQSSTDHRGTPANPGRVATLIPYEDIIRQTAFLKNVNLYSE
SAPIQDPDDLVTIGVVYYIPPEHAQEVREYLNVREQNGYTLHEVEVHLETNREHEAELGEALEQLPRHNKSGKRVLLTSV
YIGTIDNEAFVGPETVDETAKVIAVSHGPSGSNYEYLAKLEQALAQMPIMKERGRITDHYLTALLETVNKYRHHHHHHHH
;
_entity_poly.pdbx_strand_id   A,B
#
# COMPACT_ATOMS: atom_id res chain seq x y z
N SER A 6 -26.81 21.96 -15.39
CA SER A 6 -26.66 21.46 -16.75
C SER A 6 -25.34 20.70 -16.93
N GLY A 7 -24.24 21.45 -17.05
CA GLY A 7 -22.92 20.87 -17.02
C GLY A 7 -22.45 20.61 -15.60
N ILE A 8 -21.12 20.40 -15.45
N ILE A 8 -21.16 20.41 -15.44
CA ILE A 8 -20.48 19.96 -14.20
CA ILE A 8 -20.65 20.20 -14.11
C ILE A 8 -19.25 20.83 -13.93
C ILE A 8 -19.37 20.98 -13.94
N TRP A 9 -19.15 21.38 -12.71
CA TRP A 9 -17.91 22.00 -12.29
C TRP A 9 -17.10 20.92 -11.60
N VAL A 10 -15.84 20.82 -12.00
CA VAL A 10 -14.93 19.80 -11.46
C VAL A 10 -13.76 20.50 -10.80
N LEU A 11 -13.48 20.16 -9.53
CA LEU A 11 -12.32 20.72 -8.84
C LEU A 11 -11.07 19.99 -9.28
N GLY A 12 -10.02 20.74 -9.50
CA GLY A 12 -8.71 20.13 -9.66
C GLY A 12 -7.75 20.61 -8.58
N TYR A 13 -7.08 19.67 -7.89
CA TYR A 13 -6.14 20.02 -6.83
C TYR A 13 -4.80 19.32 -7.05
N GLY A 14 -4.70 18.44 -8.04
CA GLY A 14 -3.48 17.68 -8.32
C GLY A 14 -3.21 17.77 -9.80
N SER A 15 -3.05 16.63 -10.48
CA SER A 15 -2.68 16.66 -11.88
C SER A 15 -3.73 17.28 -12.77
N LEU A 16 -5.00 17.38 -12.36
CA LEU A 16 -5.94 18.05 -13.26
C LEU A 16 -5.62 19.53 -13.40
N ILE A 17 -4.84 20.11 -12.49
CA ILE A 17 -4.47 21.51 -12.64
C ILE A 17 -3.66 21.73 -13.91
N TYR A 18 -2.65 20.90 -14.13
CA TYR A 18 -1.74 21.12 -15.24
C TYR A 18 -1.92 20.16 -16.40
N LYS A 19 -2.72 19.10 -16.22
CA LYS A 19 -3.09 18.19 -17.29
C LYS A 19 -4.61 18.20 -17.27
N PRO A 20 -5.24 19.19 -17.91
N PRO A 20 -5.23 19.22 -17.86
CA PRO A 20 -6.67 19.44 -17.71
CA PRO A 20 -6.68 19.45 -17.65
C PRO A 20 -7.52 18.35 -18.31
C PRO A 20 -7.53 18.43 -18.35
N PRO A 21 -8.78 18.28 -17.90
CA PRO A 21 -9.75 17.44 -18.61
C PRO A 21 -10.05 18.01 -20.00
N SER A 22 -10.52 17.12 -20.88
CA SER A 22 -10.91 17.53 -22.22
C SER A 22 -12.18 18.36 -22.15
N HIS A 23 -12.26 19.29 -23.08
CA HIS A 23 -13.50 19.97 -23.42
C HIS A 23 -13.98 20.94 -22.35
N TYR A 24 -13.15 21.34 -21.40
CA TYR A 24 -13.59 22.35 -20.44
C TYR A 24 -13.85 23.65 -21.18
N THR A 25 -14.81 24.42 -20.67
CA THR A 25 -15.04 25.76 -21.23
C THR A 25 -14.76 26.90 -20.25
N HIS A 26 -14.49 26.62 -18.98
CA HIS A 26 -13.94 27.57 -18.03
C HIS A 26 -12.89 26.85 -17.20
N ARG A 27 -11.86 27.60 -16.80
CA ARG A 27 -10.82 27.12 -15.90
C ARG A 27 -10.52 28.29 -14.97
N ILE A 28 -10.99 28.23 -13.75
CA ILE A 28 -10.93 29.36 -12.82
C ILE A 28 -9.96 29.01 -11.70
N PRO A 29 -8.86 29.77 -11.51
CA PRO A 29 -7.99 29.55 -10.36
C PRO A 29 -8.80 29.75 -9.10
N ALA A 30 -8.58 28.91 -8.10
CA ALA A 30 -9.50 28.91 -6.97
C ALA A 30 -8.78 28.69 -5.67
N ILE A 31 -9.16 29.48 -4.67
CA ILE A 31 -8.93 29.16 -3.28
C ILE A 31 -10.10 28.30 -2.85
N ILE A 32 -9.85 27.02 -2.61
CA ILE A 32 -10.89 26.07 -2.24
C ILE A 32 -10.90 26.00 -0.72
N HIS A 33 -12.06 26.30 -0.12
CA HIS A 33 -12.18 26.24 1.32
C HIS A 33 -12.75 24.90 1.75
N GLY A 34 -12.36 24.46 2.95
CA GLY A 34 -12.97 23.31 3.56
C GLY A 34 -12.17 22.01 3.45
N PHE A 35 -11.00 22.02 2.79
CA PHE A 35 -10.20 20.82 2.56
C PHE A 35 -8.74 21.19 2.74
N ALA A 36 -7.95 20.23 3.20
CA ALA A 36 -6.50 20.33 3.16
C ALA A 36 -5.97 19.34 2.13
N ARG A 37 -4.94 19.72 1.39
CA ARG A 37 -4.33 18.82 0.41
C ARG A 37 -3.04 18.22 1.01
N ARG A 38 -2.92 16.89 0.96
CA ARG A 38 -1.74 16.24 1.53
C ARG A 38 -1.32 15.14 0.57
N PHE A 39 -0.02 14.83 0.57
CA PHE A 39 0.49 13.75 -0.28
C PHE A 39 0.43 12.42 0.48
N TRP A 40 -0.82 12.08 0.86
CA TRP A 40 -1.16 10.94 1.70
C TRP A 40 -1.87 9.84 0.96
N GLN A 41 -1.74 9.80 -0.38
CA GLN A 41 -2.27 8.74 -1.21
C GLN A 41 -1.09 8.05 -1.89
N SER A 42 -1.02 6.73 -1.81
CA SER A 42 0.07 6.06 -2.51
C SER A 42 -0.25 5.87 -3.99
N SER A 43 0.81 5.86 -4.83
CA SER A 43 0.68 5.60 -6.25
C SER A 43 1.49 4.35 -6.58
N THR A 44 0.85 3.37 -7.22
CA THR A 44 1.52 2.14 -7.61
C THR A 44 1.56 1.91 -9.11
N ASP A 45 0.92 2.78 -9.91
CA ASP A 45 0.90 2.61 -11.36
C ASP A 45 1.45 3.82 -12.10
N HIS A 46 1.82 4.89 -11.39
CA HIS A 46 2.22 6.11 -12.08
C HIS A 46 3.52 6.64 -11.54
N ARG A 47 3.55 6.96 -10.24
CA ARG A 47 4.70 7.60 -9.63
C ARG A 47 5.39 6.68 -8.62
N GLY A 48 5.06 5.40 -8.67
CA GLY A 48 5.73 4.34 -7.95
C GLY A 48 5.30 3.02 -8.54
N THR A 49 5.63 1.93 -7.83
CA THR A 49 5.30 0.58 -8.28
C THR A 49 4.56 -0.14 -7.15
N PRO A 50 3.95 -1.30 -7.43
CA PRO A 50 3.27 -2.06 -6.35
C PRO A 50 4.15 -2.35 -5.16
N ALA A 51 5.39 -2.78 -5.41
CA ALA A 51 6.28 -3.08 -4.31
C ALA A 51 6.86 -1.82 -3.68
N ASN A 52 6.94 -0.70 -4.42
CA ASN A 52 7.60 0.49 -3.93
C ASN A 52 6.71 1.69 -4.34
N PRO A 53 5.65 1.91 -3.59
CA PRO A 53 4.69 2.96 -3.99
C PRO A 53 5.26 4.36 -3.82
N GLY A 54 4.72 5.26 -4.61
CA GLY A 54 5.01 6.67 -4.45
C GLY A 54 3.94 7.38 -3.61
N ARG A 55 3.95 8.71 -3.67
CA ARG A 55 3.03 9.56 -2.92
C ARG A 55 2.44 10.60 -3.84
N VAL A 56 1.10 10.70 -3.88
CA VAL A 56 0.41 11.67 -4.72
C VAL A 56 -0.66 12.34 -3.87
N ALA A 57 -1.30 13.36 -4.45
CA ALA A 57 -2.15 14.26 -3.66
C ALA A 57 -3.55 13.70 -3.42
N THR A 58 -4.06 13.96 -2.23
CA THR A 58 -5.50 13.77 -1.95
C THR A 58 -5.97 14.98 -1.15
N LEU A 59 -7.28 15.14 -1.03
CA LEU A 59 -7.84 16.22 -0.23
C LEU A 59 -8.52 15.59 0.97
N ILE A 60 -8.38 16.22 2.13
CA ILE A 60 -9.02 15.72 3.33
C ILE A 60 -10.01 16.78 3.79
N PRO A 61 -11.28 16.44 3.96
CA PRO A 61 -12.24 17.45 4.38
C PRO A 61 -12.10 17.79 5.84
N TYR A 62 -12.55 19.00 6.16
CA TYR A 62 -12.55 19.50 7.53
C TYR A 62 -13.14 18.50 8.51
N GLU A 63 -14.30 17.90 8.16
CA GLU A 63 -14.97 17.02 9.10
C GLU A 63 -14.15 15.77 9.41
N ASP A 64 -13.26 15.36 8.51
CA ASP A 64 -12.37 14.26 8.83
C ASP A 64 -11.17 14.75 9.64
N ILE A 65 -10.70 15.95 9.36
CA ILE A 65 -9.54 16.49 10.06
C ILE A 65 -9.81 16.62 11.54
N ILE A 66 -10.97 17.19 11.90
CA ILE A 66 -11.24 17.46 13.30
C ILE A 66 -11.49 16.19 14.10
N ARG A 67 -11.76 15.07 13.43
CA ARG A 67 -12.04 13.81 14.11
C ARG A 67 -10.79 13.00 14.47
N GLN A 68 -9.60 13.39 14.04
CA GLN A 68 -8.37 12.69 14.43
C GLN A 68 -7.34 13.70 14.89
N THR A 69 -6.88 13.56 16.13
CA THR A 69 -5.91 14.52 16.67
C THR A 69 -4.71 14.68 15.77
N ALA A 70 -4.19 13.57 15.21
CA ALA A 70 -3.00 13.67 14.37
C ALA A 70 -3.26 14.50 13.11
N PHE A 71 -4.45 14.34 12.51
CA PHE A 71 -4.75 15.18 11.34
C PHE A 71 -4.83 16.64 11.74
N LEU A 72 -5.51 16.94 12.87
CA LEU A 72 -5.71 18.33 13.27
C LEU A 72 -4.37 18.99 13.62
N LYS A 73 -3.51 18.29 14.35
CA LYS A 73 -2.21 18.88 14.64
C LYS A 73 -1.40 19.13 13.37
N ASN A 74 -1.51 18.24 12.39
CA ASN A 74 -0.75 18.39 11.17
C ASN A 74 -1.28 19.57 10.34
N VAL A 75 -2.61 19.70 10.27
CA VAL A 75 -3.16 20.85 9.58
C VAL A 75 -2.80 22.15 10.28
N ASN A 76 -2.88 22.18 11.62
CA ASN A 76 -2.50 23.39 12.34
C ASN A 76 -1.02 23.72 12.18
N LEU A 77 -0.18 22.69 11.98
CA LEU A 77 1.25 22.93 11.83
C LEU A 77 1.55 23.79 10.60
N TYR A 78 0.73 23.68 9.54
CA TYR A 78 1.00 24.38 8.30
C TYR A 78 -0.02 25.43 7.93
N SER A 79 -1.02 25.69 8.77
CA SER A 79 -2.08 26.62 8.43
C SER A 79 -1.77 27.99 9.01
N GLU A 80 -2.01 29.05 8.21
CA GLU A 80 -1.96 30.42 8.72
C GLU A 80 -3.11 30.76 9.65
N SER A 81 -4.11 29.90 9.76
CA SER A 81 -5.24 30.11 10.65
C SER A 81 -5.21 29.18 11.86
N ALA A 82 -4.06 28.55 12.14
CA ALA A 82 -3.95 27.70 13.31
C ALA A 82 -4.24 28.50 14.59
N PRO A 83 -5.04 27.96 15.53
CA PRO A 83 -5.74 26.68 15.42
C PRO A 83 -7.05 26.83 14.64
N ILE A 84 -7.27 25.99 13.64
CA ILE A 84 -8.44 26.17 12.78
C ILE A 84 -9.71 25.92 13.58
N GLN A 85 -10.76 26.67 13.25
CA GLN A 85 -12.01 26.68 13.99
C GLN A 85 -13.22 26.31 13.16
N ASP A 86 -13.10 26.27 11.84
CA ASP A 86 -14.24 26.10 10.95
C ASP A 86 -13.71 25.69 9.59
N PRO A 87 -14.55 25.07 8.75
CA PRO A 87 -14.09 24.66 7.42
C PRO A 87 -13.51 25.80 6.59
N ASP A 88 -14.03 27.02 6.73
CA ASP A 88 -13.49 28.13 5.97
C ASP A 88 -12.03 28.42 6.30
N ASP A 89 -11.55 28.01 7.48
CA ASP A 89 -10.14 28.18 7.83
C ASP A 89 -9.21 27.33 6.99
N LEU A 90 -9.71 26.28 6.35
CA LEU A 90 -8.87 25.41 5.53
C LEU A 90 -8.90 25.94 4.11
N VAL A 91 -7.73 26.02 3.50
CA VAL A 91 -7.59 26.56 2.16
C VAL A 91 -6.71 25.57 1.39
N THR A 92 -7.17 25.17 0.20
CA THR A 92 -6.33 24.48 -0.79
C THR A 92 -6.38 25.31 -2.07
N ILE A 93 -5.22 25.67 -2.60
CA ILE A 93 -5.15 26.39 -3.86
C ILE A 93 -5.21 25.40 -5.03
N GLY A 94 -6.16 25.61 -5.93
CA GLY A 94 -6.38 24.71 -7.05
C GLY A 94 -7.09 25.43 -8.18
N VAL A 95 -7.90 24.70 -8.94
N VAL A 95 -7.93 24.69 -8.90
CA VAL A 95 -8.71 25.29 -10.00
CA VAL A 95 -8.64 25.21 -10.07
C VAL A 95 -10.08 24.64 -9.97
C VAL A 95 -10.00 24.52 -10.17
N VAL A 96 -10.98 25.23 -10.74
CA VAL A 96 -12.28 24.62 -11.01
C VAL A 96 -12.56 24.75 -12.51
N TYR A 97 -12.95 23.64 -13.12
CA TYR A 97 -13.25 23.56 -14.54
C TYR A 97 -14.73 23.43 -14.72
N TYR A 98 -15.25 24.01 -15.81
CA TYR A 98 -16.62 23.72 -16.20
C TYR A 98 -16.62 22.82 -17.42
N ILE A 99 -17.39 21.76 -17.35
CA ILE A 99 -17.55 20.79 -18.42
C ILE A 99 -18.99 20.90 -18.93
N PRO A 100 -19.20 21.27 -20.18
CA PRO A 100 -20.59 21.43 -20.70
C PRO A 100 -21.35 20.12 -20.69
N PRO A 101 -22.68 20.21 -20.68
CA PRO A 101 -23.53 19.00 -20.66
C PRO A 101 -23.14 17.95 -21.69
N GLU A 102 -22.76 18.38 -22.89
CA GLU A 102 -22.40 17.43 -23.95
C GLU A 102 -21.26 16.52 -23.54
N HIS A 103 -20.45 16.93 -22.59
CA HIS A 103 -19.29 16.15 -22.19
C HIS A 103 -19.30 15.76 -20.72
N ALA A 104 -20.34 16.12 -19.95
CA ALA A 104 -20.31 15.88 -18.52
C ALA A 104 -20.14 14.41 -18.16
N GLN A 105 -20.61 13.50 -19.00
CA GLN A 105 -20.52 12.12 -18.59
C GLN A 105 -19.09 11.60 -18.65
N GLU A 106 -18.18 12.33 -19.28
CA GLU A 106 -16.78 11.91 -19.31
C GLU A 106 -16.09 12.08 -17.97
N VAL A 107 -16.68 12.86 -17.07
CA VAL A 107 -16.07 13.11 -15.77
C VAL A 107 -15.80 11.79 -15.05
N ARG A 108 -16.70 10.82 -15.21
CA ARG A 108 -16.57 9.54 -14.54
C ARG A 108 -15.39 8.74 -15.05
N GLU A 109 -14.71 9.19 -16.10
CA GLU A 109 -13.57 8.48 -16.66
C GLU A 109 -12.27 9.28 -16.63
N TYR A 110 -12.24 10.44 -15.95
CA TYR A 110 -11.06 11.30 -16.02
C TYR A 110 -9.84 10.66 -15.40
N LEU A 111 -10.01 9.73 -14.46
CA LEU A 111 -8.82 9.15 -13.83
C LEU A 111 -8.15 8.07 -14.68
N ASN A 112 -8.75 7.68 -15.82
CA ASN A 112 -8.21 6.59 -16.62
C ASN A 112 -6.81 6.90 -17.16
N VAL A 113 -6.42 8.17 -17.20
CA VAL A 113 -5.14 8.61 -17.72
C VAL A 113 -4.23 9.17 -16.63
N ARG A 114 -4.57 8.97 -15.37
CA ARG A 114 -3.78 9.57 -14.30
C ARG A 114 -3.85 8.71 -13.05
N GLU A 115 -3.48 9.28 -11.91
CA GLU A 115 -3.51 8.57 -10.65
C GLU A 115 -4.97 8.17 -10.40
N GLN A 116 -5.18 6.92 -9.95
CA GLN A 116 -6.53 6.39 -10.01
C GLN A 116 -6.84 5.41 -8.88
N ASN A 117 -5.87 4.60 -8.43
CA ASN A 117 -6.21 3.57 -7.43
C ASN A 117 -6.69 4.22 -6.15
N GLY A 118 -7.84 3.78 -5.67
CA GLY A 118 -8.37 4.22 -4.39
C GLY A 118 -9.09 5.56 -4.42
N TYR A 119 -9.17 6.24 -5.55
CA TYR A 119 -9.89 7.49 -5.63
C TYR A 119 -11.36 7.22 -5.91
N THR A 120 -12.20 8.02 -5.30
CA THR A 120 -13.66 7.99 -5.52
C THR A 120 -14.18 9.36 -5.87
N LEU A 121 -15.29 9.36 -6.59
CA LEU A 121 -15.86 10.60 -7.11
C LEU A 121 -16.92 11.08 -6.12
N HIS A 122 -16.84 12.36 -5.75
CA HIS A 122 -17.73 12.97 -4.78
C HIS A 122 -18.32 14.25 -5.35
N GLU A 123 -19.54 14.55 -4.94
CA GLU A 123 -20.16 15.81 -5.27
C GLU A 123 -20.32 16.61 -3.99
N VAL A 124 -19.82 17.83 -4.00
CA VAL A 124 -19.75 18.65 -2.80
C VAL A 124 -20.05 20.10 -3.15
N GLU A 125 -20.67 20.81 -2.22
CA GLU A 125 -20.87 22.24 -2.35
C GLU A 125 -19.69 22.94 -1.70
N VAL A 126 -18.96 23.78 -2.44
CA VAL A 126 -17.73 24.35 -1.94
C VAL A 126 -17.71 25.87 -2.03
N HIS A 127 -17.17 26.49 -0.99
CA HIS A 127 -16.89 27.93 -0.98
C HIS A 127 -15.55 28.18 -1.66
N LEU A 128 -15.58 28.96 -2.75
CA LEU A 128 -14.42 29.26 -3.57
C LEU A 128 -14.18 30.76 -3.58
N GLU A 129 -12.91 31.15 -3.69
CA GLU A 129 -12.53 32.52 -4.01
C GLU A 129 -11.54 32.45 -5.17
N THR A 130 -11.41 33.58 -5.86
CA THR A 130 -10.50 33.66 -6.99
C THR A 130 -9.86 35.05 -7.05
N ASN A 131 -9.02 35.26 -8.06
CA ASN A 131 -8.33 36.53 -8.19
C ASN A 131 -9.24 37.56 -8.86
N ARG A 132 -8.76 38.81 -8.91
CA ARG A 132 -9.54 39.88 -9.53
C ARG A 132 -9.84 39.55 -10.98
N GLU A 133 -8.88 38.93 -11.68
CA GLU A 133 -9.05 38.66 -13.10
C GLU A 133 -10.25 37.75 -13.36
N HIS A 134 -10.61 36.89 -12.40
CA HIS A 134 -11.68 35.92 -12.60
C HIS A 134 -12.89 36.12 -11.69
N GLU A 135 -12.91 37.14 -10.85
CA GLU A 135 -14.02 37.34 -9.91
C GLU A 135 -15.38 37.37 -10.61
N ALA A 136 -15.48 38.10 -11.71
CA ALA A 136 -16.75 38.20 -12.42
C ALA A 136 -17.19 36.85 -12.97
N GLU A 137 -16.24 36.10 -13.52
CA GLU A 137 -16.52 34.74 -14.02
C GLU A 137 -16.97 33.83 -12.89
N LEU A 138 -16.27 33.87 -11.75
CA LEU A 138 -16.73 33.06 -10.62
C LEU A 138 -18.12 33.51 -10.16
N GLY A 139 -18.36 34.82 -10.14
CA GLY A 139 -19.67 35.29 -9.71
C GLY A 139 -20.79 34.78 -10.60
N GLU A 140 -20.55 34.73 -11.91
CA GLU A 140 -21.56 34.17 -12.83
C GLU A 140 -21.78 32.69 -12.57
N ALA A 141 -20.71 31.94 -12.31
CA ALA A 141 -20.84 30.52 -12.00
C ALA A 141 -21.71 30.32 -10.77
N LEU A 142 -21.54 31.17 -9.76
CA LEU A 142 -22.30 31.01 -8.53
C LEU A 142 -23.77 31.34 -8.73
N GLU A 143 -24.09 32.20 -9.70
CA GLU A 143 -25.46 32.67 -9.90
C GLU A 143 -26.32 31.69 -10.68
N GLN A 144 -25.74 30.65 -11.27
CA GLN A 144 -26.52 29.64 -11.99
C GLN A 144 -27.26 28.70 -11.03
N LEU A 145 -26.55 28.07 -10.10
CA LEU A 145 -27.32 27.24 -9.17
C LEU A 145 -27.20 27.88 -7.79
N PRO A 146 -27.92 29.01 -7.56
CA PRO A 146 -27.66 29.83 -6.35
C PRO A 146 -27.76 29.01 -5.08
N ARG A 147 -26.63 28.82 -4.40
CA ARG A 147 -26.53 28.02 -3.18
C ARG A 147 -25.71 28.80 -2.17
N HIS A 148 -26.08 28.67 -0.91
CA HIS A 148 -25.34 29.29 0.17
C HIS A 148 -25.12 28.27 1.27
N ASN A 149 -24.01 28.42 2.00
CA ASN A 149 -23.73 27.51 3.10
C ASN A 149 -24.44 27.98 4.36
N LYS A 150 -24.14 27.33 5.49
CA LYS A 150 -24.75 27.68 6.76
C LYS A 150 -24.31 29.06 7.25
N SER A 151 -23.19 29.57 6.76
CA SER A 151 -22.75 30.91 7.13
C SER A 151 -23.20 31.99 6.14
N GLY A 152 -24.08 31.64 5.19
CA GLY A 152 -24.59 32.63 4.26
C GLY A 152 -23.70 32.93 3.07
N LYS A 153 -22.59 32.20 2.93
CA LYS A 153 -21.66 32.43 1.84
C LYS A 153 -22.07 31.64 0.61
N ARG A 154 -21.79 32.19 -0.56
CA ARG A 154 -22.15 31.53 -1.80
C ARG A 154 -21.24 30.34 -2.03
N VAL A 155 -21.84 29.22 -2.45
CA VAL A 155 -21.08 28.01 -2.69
C VAL A 155 -21.42 27.46 -4.06
N LEU A 156 -20.48 26.70 -4.63
CA LEU A 156 -20.59 26.08 -5.94
C LEU A 156 -20.72 24.58 -5.76
N LEU A 157 -21.71 23.95 -6.41
CA LEU A 157 -21.79 22.48 -6.48
C LEU A 157 -20.73 21.96 -7.46
N THR A 158 -19.82 21.10 -6.96
CA THR A 158 -18.68 20.63 -7.74
C THR A 158 -18.50 19.14 -7.55
N SER A 159 -17.89 18.51 -8.55
CA SER A 159 -17.42 17.14 -8.45
CA SER A 159 -17.43 17.14 -8.43
C SER A 159 -15.93 17.15 -8.20
N VAL A 160 -15.47 16.19 -7.42
CA VAL A 160 -14.04 16.11 -7.09
C VAL A 160 -13.70 14.65 -6.87
N TYR A 161 -12.48 14.24 -7.26
CA TYR A 161 -11.97 12.90 -6.97
C TYR A 161 -11.08 12.96 -5.75
N ILE A 162 -11.36 12.10 -4.77
CA ILE A 162 -10.70 12.11 -3.48
C ILE A 162 -10.27 10.70 -3.12
N GLY A 163 -9.07 10.56 -2.56
CA GLY A 163 -8.70 9.32 -1.85
C GLY A 163 -9.13 9.48 -0.43
N THR A 164 -10.25 8.87 -0.03
CA THR A 164 -10.74 9.12 1.32
C THR A 164 -9.87 8.36 2.34
N ILE A 165 -10.10 8.69 3.62
CA ILE A 165 -9.33 8.07 4.70
C ILE A 165 -9.45 6.55 4.75
N ASP A 166 -10.52 5.97 4.21
CA ASP A 166 -10.74 4.54 4.28
C ASP A 166 -10.19 3.78 3.07
N ASN A 167 -9.70 4.49 2.06
CA ASN A 167 -9.36 3.80 0.82
C ASN A 167 -8.06 3.02 1.01
N GLU A 168 -7.88 1.94 0.21
CA GLU A 168 -6.73 1.03 0.36
C GLU A 168 -5.39 1.75 0.19
N ALA A 169 -5.33 2.83 -0.61
CA ALA A 169 -4.08 3.50 -0.93
C ALA A 169 -3.79 4.66 0.03
N PHE A 170 -4.65 4.91 1.01
CA PHE A 170 -4.41 6.05 1.90
C PHE A 170 -3.29 5.69 2.86
N VAL A 171 -2.34 6.60 3.03
CA VAL A 171 -1.18 6.32 3.88
C VAL A 171 -1.05 7.35 4.99
N GLY A 172 -2.00 8.28 5.12
CA GLY A 172 -1.87 9.33 6.11
C GLY A 172 -2.26 8.79 7.47
N PRO A 173 -1.97 9.54 8.55
CA PRO A 173 -1.14 10.74 8.52
C PRO A 173 0.33 10.32 8.37
N GLU A 174 1.10 11.18 7.75
CA GLU A 174 2.51 10.96 7.60
C GLU A 174 3.17 12.31 7.76
N THR A 175 4.35 12.34 8.40
CA THR A 175 5.08 13.60 8.52
C THR A 175 5.73 13.97 7.19
N VAL A 176 6.06 15.25 7.03
CA VAL A 176 6.76 15.70 5.82
C VAL A 176 8.05 14.91 5.63
N ASP A 177 8.78 14.61 6.70
CA ASP A 177 10.02 13.86 6.54
C ASP A 177 9.75 12.46 5.96
N GLU A 178 8.76 11.75 6.53
CA GLU A 178 8.38 10.43 6.02
C GLU A 178 7.96 10.49 4.56
N THR A 179 7.06 11.44 4.22
CA THR A 179 6.59 11.53 2.84
C THR A 179 7.73 11.87 1.91
N ALA A 180 8.57 12.82 2.32
CA ALA A 180 9.67 13.26 1.47
C ALA A 180 10.66 12.14 1.17
N LYS A 181 10.93 11.28 2.15
CA LYS A 181 11.85 10.15 1.93
C LYS A 181 11.31 9.27 0.81
N VAL A 182 10.00 9.06 0.77
CA VAL A 182 9.43 8.29 -0.34
C VAL A 182 9.50 9.06 -1.67
N ILE A 183 9.06 10.33 -1.66
CA ILE A 183 9.03 11.07 -2.92
C ILE A 183 10.41 11.15 -3.55
N ALA A 184 11.46 11.23 -2.74
CA ALA A 184 12.79 11.47 -3.25
C ALA A 184 13.34 10.26 -4.00
N VAL A 185 12.82 9.05 -3.73
CA VAL A 185 13.35 7.83 -4.36
C VAL A 185 12.40 7.15 -5.33
N SER A 186 11.12 7.50 -5.34
N SER A 186 11.13 7.54 -5.37
CA SER A 186 10.17 6.70 -6.07
CA SER A 186 10.14 6.72 -6.05
C SER A 186 10.05 7.17 -7.53
C SER A 186 9.91 7.19 -7.49
N HIS A 187 9.65 6.23 -8.39
CA HIS A 187 9.28 6.61 -9.74
C HIS A 187 8.42 5.47 -10.26
N GLY A 188 7.63 5.75 -11.28
CA GLY A 188 6.91 4.71 -11.97
C GLY A 188 6.79 5.04 -13.44
N PRO A 189 5.84 4.42 -14.12
CA PRO A 189 5.73 4.59 -15.58
C PRO A 189 5.52 6.02 -16.03
N SER A 190 4.97 6.88 -15.17
CA SER A 190 4.78 8.27 -15.60
C SER A 190 6.01 9.12 -15.38
N GLY A 191 7.00 8.64 -14.63
CA GLY A 191 8.20 9.40 -14.31
C GLY A 191 8.39 9.43 -12.82
N SER A 192 9.27 10.30 -12.38
CA SER A 192 9.66 10.28 -10.99
C SER A 192 8.57 10.89 -10.13
N ASN A 193 8.55 10.48 -8.88
CA ASN A 193 7.58 11.09 -7.96
C ASN A 193 7.97 12.54 -7.73
N TYR A 194 9.27 12.86 -7.81
CA TYR A 194 9.69 14.24 -7.67
C TYR A 194 9.12 15.12 -8.77
N GLU A 195 9.11 14.62 -10.01
CA GLU A 195 8.52 15.38 -11.12
C GLU A 195 7.04 15.70 -10.83
N TYR A 196 6.28 14.73 -10.32
CA TYR A 196 4.89 15.02 -9.98
C TYR A 196 4.79 16.20 -8.98
N LEU A 197 5.62 16.19 -7.93
CA LEU A 197 5.58 17.31 -7.00
C LEU A 197 5.99 18.61 -7.65
N ALA A 198 7.06 18.57 -8.45
CA ALA A 198 7.54 19.78 -9.12
C ALA A 198 6.51 20.33 -10.10
N LYS A 199 5.80 19.44 -10.80
CA LYS A 199 4.79 19.97 -11.73
C LYS A 199 3.67 20.67 -10.97
N LEU A 200 3.29 20.13 -9.81
CA LEU A 200 2.21 20.78 -9.03
C LEU A 200 2.69 22.14 -8.54
N GLU A 201 3.91 22.20 -8.01
CA GLU A 201 4.45 23.47 -7.56
C GLU A 201 4.55 24.48 -8.71
N GLN A 202 5.00 24.04 -9.89
CA GLN A 202 5.04 24.91 -11.06
C GLN A 202 3.66 25.46 -11.38
N ALA A 203 2.68 24.58 -11.39
CA ALA A 203 1.33 24.98 -11.77
C ALA A 203 0.76 25.98 -10.78
N LEU A 204 1.02 25.79 -9.49
CA LEU A 204 0.57 26.78 -8.51
C LEU A 204 1.29 28.12 -8.67
N ALA A 205 2.56 28.09 -9.06
CA ALA A 205 3.29 29.34 -9.23
C ALA A 205 2.83 30.09 -10.47
N GLN A 206 2.28 29.40 -11.45
CA GLN A 206 1.73 30.06 -12.62
C GLN A 206 0.40 30.72 -12.31
N MET A 207 -0.14 30.52 -11.11
CA MET A 207 -1.51 30.91 -10.80
C MET A 207 -1.60 31.79 -9.56
N PRO A 208 -0.87 32.90 -9.51
CA PRO A 208 -0.88 33.73 -8.30
C PRO A 208 -2.28 34.21 -8.02
N ILE A 209 -2.70 34.07 -6.75
CA ILE A 209 -4.00 34.49 -6.27
C ILE A 209 -3.82 35.54 -5.18
N ARG A 215 -0.13 37.25 -1.17
CA ARG A 215 -0.11 36.03 -1.98
C ARG A 215 -0.29 34.75 -1.15
N ILE A 216 -1.34 34.00 -1.48
CA ILE A 216 -1.67 32.78 -0.76
C ILE A 216 -0.69 31.70 -1.19
N THR A 217 -0.06 31.04 -0.21
CA THR A 217 0.90 30.00 -0.49
C THR A 217 0.57 28.76 0.34
N ASP A 218 1.05 27.64 -0.14
CA ASP A 218 0.81 26.36 0.51
C ASP A 218 2.05 25.99 1.32
N HIS A 219 2.00 26.22 2.64
CA HIS A 219 3.15 25.99 3.51
C HIS A 219 3.51 24.51 3.61
N TYR A 220 2.51 23.64 3.57
CA TYR A 220 2.81 22.20 3.57
C TYR A 220 3.60 21.82 2.31
N LEU A 221 3.14 22.26 1.14
CA LEU A 221 3.82 21.88 -0.09
C LEU A 221 5.23 22.48 -0.13
N THR A 222 5.39 23.69 0.39
CA THR A 222 6.73 24.30 0.46
C THR A 222 7.67 23.49 1.35
N ALA A 223 7.19 23.04 2.51
CA ALA A 223 8.02 22.24 3.41
C ALA A 223 8.30 20.88 2.79
N LEU A 224 7.30 20.30 2.13
CA LEU A 224 7.50 19.01 1.48
C LEU A 224 8.58 19.09 0.39
N LEU A 225 8.50 20.12 -0.46
CA LEU A 225 9.49 20.24 -1.53
C LEU A 225 10.87 20.55 -0.96
N GLU A 226 10.97 21.39 0.07
CA GLU A 226 12.26 21.68 0.68
C GLU A 226 12.88 20.41 1.24
N THR A 227 12.06 19.56 1.84
CA THR A 227 12.58 18.34 2.44
C THR A 227 12.98 17.33 1.39
N VAL A 228 12.17 17.17 0.32
CA VAL A 228 12.54 16.31 -0.79
C VAL A 228 13.86 16.77 -1.39
N ASN A 229 14.03 18.08 -1.57
CA ASN A 229 15.30 18.57 -2.12
C ASN A 229 16.47 18.25 -1.19
N LYS A 230 16.26 18.29 0.14
CA LYS A 230 17.34 17.92 1.05
C LYS A 230 17.72 16.46 0.86
N TYR A 231 16.73 15.57 0.70
CA TYR A 231 17.03 14.16 0.47
C TYR A 231 17.71 13.94 -0.86
N ARG A 232 17.35 14.69 -1.90
CA ARG A 232 17.96 14.51 -3.21
C ARG A 232 19.35 15.11 -3.30
N HIS A 233 19.69 16.09 -2.45
CA HIS A 233 20.96 16.84 -2.59
C HIS A 233 22.20 15.96 -2.50
N SER B 6 25.13 -24.53 17.80
CA SER B 6 25.48 -23.12 18.05
C SER B 6 24.95 -22.21 16.95
N GLY B 7 24.25 -21.15 17.36
CA GLY B 7 23.51 -20.30 16.45
C GLY B 7 22.23 -20.96 15.97
N ILE B 8 21.41 -20.19 15.26
N ILE B 8 21.37 -20.24 15.29
CA ILE B 8 20.06 -20.61 14.88
CA ILE B 8 20.12 -20.85 14.86
C ILE B 8 19.92 -20.40 13.37
C ILE B 8 19.77 -20.41 13.46
N TRP B 9 19.28 -21.36 12.69
CA TRP B 9 18.77 -21.11 11.34
C TRP B 9 17.31 -20.77 11.47
N VAL B 10 16.92 -19.68 10.82
CA VAL B 10 15.55 -19.18 10.88
C VAL B 10 14.98 -19.18 9.46
N LEU B 11 13.81 -19.82 9.26
CA LEU B 11 13.13 -19.79 7.99
C LEU B 11 12.41 -18.46 7.82
N GLY B 12 12.49 -17.92 6.60
CA GLY B 12 11.64 -16.79 6.25
C GLY B 12 10.78 -17.18 5.08
N TYR B 13 9.47 -16.95 5.21
CA TYR B 13 8.55 -17.21 4.11
C TYR B 13 7.62 -16.05 3.85
N GLY B 14 7.70 -14.98 4.63
CA GLY B 14 6.87 -13.80 4.47
C GLY B 14 7.76 -12.59 4.49
N SER B 15 7.47 -11.63 5.38
CA SER B 15 8.22 -10.41 5.38
C SER B 15 9.66 -10.60 5.81
N LEU B 16 10.02 -11.70 6.48
CA LEU B 16 11.47 -11.86 6.76
C LEU B 16 12.29 -12.04 5.50
N ILE B 17 11.66 -12.37 4.37
CA ILE B 17 12.40 -12.50 3.13
C ILE B 17 12.97 -11.16 2.72
N TYR B 18 12.14 -10.13 2.71
CA TYR B 18 12.60 -8.85 2.17
C TYR B 18 12.89 -7.80 3.23
N LYS B 19 12.50 -8.05 4.48
CA LYS B 19 12.86 -7.23 5.63
C LYS B 19 13.56 -8.15 6.61
N PRO B 20 14.86 -8.43 6.37
CA PRO B 20 15.52 -9.56 7.07
C PRO B 20 15.74 -9.26 8.54
N PRO B 21 16.03 -10.29 9.33
CA PRO B 21 16.39 -10.08 10.72
C PRO B 21 17.78 -9.44 10.80
N SER B 22 18.03 -8.79 11.93
CA SER B 22 19.33 -8.19 12.19
C SER B 22 20.39 -9.28 12.37
N HIS B 23 21.59 -8.98 11.92
CA HIS B 23 22.78 -9.74 12.28
C HIS B 23 22.91 -11.10 11.63
N TYR B 24 22.14 -11.41 10.61
CA TYR B 24 22.32 -12.69 9.95
C TYR B 24 23.69 -12.73 9.30
N THR B 25 24.23 -13.93 9.21
CA THR B 25 25.52 -14.09 8.53
C THR B 25 25.43 -15.00 7.32
N HIS B 26 24.27 -15.61 7.10
CA HIS B 26 23.94 -16.33 5.89
C HIS B 26 22.48 -16.04 5.55
N ARG B 27 22.21 -15.99 4.25
CA ARG B 27 20.84 -15.87 3.73
C ARG B 27 20.79 -16.76 2.50
N ILE B 28 20.19 -17.94 2.63
CA ILE B 28 20.20 -18.94 1.56
C ILE B 28 18.79 -19.02 0.96
N PRO B 29 18.61 -18.75 -0.35
CA PRO B 29 17.30 -19.00 -0.99
C PRO B 29 16.96 -20.47 -0.87
N ALA B 30 15.70 -20.77 -0.60
CA ALA B 30 15.34 -22.12 -0.16
C ALA B 30 14.02 -22.59 -0.72
N ILE B 31 14.03 -23.80 -1.30
CA ILE B 31 12.82 -24.58 -1.54
C ILE B 31 12.54 -25.33 -0.24
N ILE B 32 11.50 -24.94 0.49
CA ILE B 32 11.20 -25.51 1.80
C ILE B 32 10.17 -26.61 1.58
N HIS B 33 10.54 -27.86 1.76
CA HIS B 33 9.60 -28.96 1.60
C HIS B 33 8.80 -29.18 2.87
N GLY B 34 7.60 -29.72 2.72
CA GLY B 34 6.79 -30.11 3.86
C GLY B 34 5.74 -29.10 4.31
N PHE B 35 5.68 -27.91 3.70
CA PHE B 35 4.78 -26.84 4.12
C PHE B 35 4.21 -26.19 2.88
N ALA B 36 2.97 -25.72 3.00
CA ALA B 36 2.38 -24.81 2.02
C ALA B 36 2.22 -23.43 2.62
N ARG B 37 2.45 -22.38 1.84
CA ARG B 37 2.24 -21.02 2.33
C ARG B 37 0.90 -20.50 1.82
N ARG B 38 0.09 -19.95 2.73
CA ARG B 38 -1.21 -19.39 2.32
C ARG B 38 -1.43 -18.10 3.07
N PHE B 39 -2.21 -17.18 2.46
CA PHE B 39 -2.54 -15.92 3.13
C PHE B 39 -3.78 -16.11 4.00
N TRP B 40 -3.63 -17.01 4.98
CA TRP B 40 -4.72 -17.45 5.85
C TRP B 40 -4.56 -16.98 7.28
N GLN B 41 -3.79 -15.93 7.50
CA GLN B 41 -3.62 -15.29 8.79
C GLN B 41 -4.13 -13.85 8.65
N SER B 42 -4.99 -13.41 9.57
CA SER B 42 -5.45 -12.03 9.48
C SER B 42 -4.45 -11.09 10.13
N SER B 43 -4.40 -9.85 9.64
CA SER B 43 -3.58 -8.80 10.21
C SER B 43 -4.47 -7.65 10.67
N THR B 44 -4.31 -7.23 11.93
CA THR B 44 -5.11 -6.13 12.49
C THR B 44 -4.29 -4.94 12.91
N ASP B 45 -2.96 -5.03 12.86
CA ASP B 45 -2.11 -3.93 13.28
C ASP B 45 -1.13 -3.49 12.20
N HIS B 46 -1.13 -4.13 11.02
CA HIS B 46 -0.12 -3.81 9.98
C HIS B 46 -0.77 -3.60 8.63
N ARG B 47 -1.46 -4.62 8.14
CA ARG B 47 -2.02 -4.61 6.80
C ARG B 47 -3.54 -4.55 6.83
N GLY B 48 -4.10 -4.30 7.99
CA GLY B 48 -5.53 -4.10 8.20
C GLY B 48 -5.73 -3.51 9.57
N THR B 49 -7.00 -3.46 10.01
CA THR B 49 -7.34 -2.91 11.31
C THR B 49 -8.18 -3.91 12.08
N PRO B 50 -8.41 -3.68 13.36
CA PRO B 50 -9.22 -4.64 14.15
C PRO B 50 -10.60 -4.88 13.57
N ALA B 51 -11.27 -3.82 13.09
CA ALA B 51 -12.59 -3.99 12.51
C ALA B 51 -12.52 -4.48 11.08
N ASN B 52 -11.42 -4.22 10.36
CA ASN B 52 -11.32 -4.63 8.98
C ASN B 52 -9.94 -5.27 8.79
N PRO B 53 -9.78 -6.54 9.19
CA PRO B 53 -8.45 -7.16 9.09
C PRO B 53 -8.02 -7.41 7.68
N GLY B 54 -6.71 -7.45 7.51
CA GLY B 54 -6.09 -7.86 6.27
C GLY B 54 -5.70 -9.33 6.27
N ARG B 55 -4.88 -9.71 5.30
CA ARG B 55 -4.48 -11.09 5.12
C ARG B 55 -2.97 -11.14 4.90
N VAL B 56 -2.29 -11.94 5.70
CA VAL B 56 -0.84 -12.07 5.60
C VAL B 56 -0.48 -13.55 5.63
N ALA B 57 0.80 -13.84 5.46
CA ALA B 57 1.20 -15.22 5.18
C ALA B 57 1.35 -16.08 6.43
N THR B 58 0.95 -17.35 6.31
CA THR B 58 1.32 -18.35 7.31
C THR B 58 1.72 -19.60 6.56
N LEU B 59 2.38 -20.52 7.25
CA LEU B 59 2.78 -21.78 6.66
C LEU B 59 1.98 -22.90 7.30
N ILE B 60 1.53 -23.85 6.51
CA ILE B 60 0.74 -24.97 7.01
C ILE B 60 1.50 -26.26 6.73
N PRO B 61 1.78 -27.06 7.75
CA PRO B 61 2.53 -28.30 7.51
C PRO B 61 1.67 -29.36 6.88
N TYR B 62 2.37 -30.27 6.20
CA TYR B 62 1.73 -31.40 5.52
C TYR B 62 0.77 -32.14 6.44
N GLU B 63 1.16 -32.37 7.69
CA GLU B 63 0.33 -33.16 8.58
C GLU B 63 -1.01 -32.50 8.86
N ASP B 64 -1.04 -31.16 8.89
CA ASP B 64 -2.32 -30.47 9.00
C ASP B 64 -3.12 -30.51 7.70
N ILE B 65 -2.43 -30.47 6.56
CA ILE B 65 -3.13 -30.46 5.28
C ILE B 65 -3.87 -31.77 5.05
N ILE B 66 -3.20 -32.89 5.26
CA ILE B 66 -3.83 -34.16 4.93
C ILE B 66 -4.98 -34.48 5.87
N ARG B 67 -5.05 -33.83 7.02
CA ARG B 67 -6.12 -34.12 7.98
C ARG B 67 -7.42 -33.38 7.68
N GLN B 68 -7.44 -32.41 6.75
CA GLN B 68 -8.62 -31.61 6.48
C GLN B 68 -8.89 -31.61 4.99
N THR B 69 -10.05 -32.13 4.59
CA THR B 69 -10.36 -32.26 3.17
C THR B 69 -10.20 -30.95 2.41
N ALA B 70 -10.69 -29.84 2.99
CA ALA B 70 -10.63 -28.56 2.31
C ALA B 70 -9.18 -28.12 2.09
N PHE B 71 -8.32 -28.35 3.10
CA PHE B 71 -6.91 -28.00 2.93
C PHE B 71 -6.26 -28.81 1.82
N LEU B 72 -6.48 -30.15 1.81
CA LEU B 72 -5.86 -30.98 0.80
C LEU B 72 -6.34 -30.60 -0.60
N LYS B 73 -7.64 -30.40 -0.76
CA LYS B 73 -8.16 -29.95 -2.06
C LYS B 73 -7.50 -28.65 -2.51
N ASN B 74 -7.32 -27.71 -1.60
CA ASN B 74 -6.71 -26.45 -1.95
C ASN B 74 -5.23 -26.61 -2.31
N VAL B 75 -4.49 -27.42 -1.57
CA VAL B 75 -3.09 -27.61 -1.88
C VAL B 75 -2.93 -28.31 -3.24
N ASN B 76 -3.79 -29.31 -3.53
CA ASN B 76 -3.73 -29.98 -4.83
C ASN B 76 -4.14 -29.03 -5.96
N LEU B 77 -4.95 -28.01 -5.67
CA LEU B 77 -5.38 -27.06 -6.70
C LEU B 77 -4.20 -26.25 -7.24
N TYR B 78 -3.15 -26.02 -6.43
CA TYR B 78 -2.05 -25.17 -6.86
C TYR B 78 -0.71 -25.87 -6.95
N SER B 79 -0.62 -27.14 -6.60
CA SER B 79 0.67 -27.82 -6.63
C SER B 79 0.87 -28.52 -7.96
N GLU B 80 2.01 -28.29 -8.59
CA GLU B 80 2.35 -29.03 -9.80
C GLU B 80 2.52 -30.52 -9.54
N SER B 81 2.71 -30.91 -8.29
CA SER B 81 2.84 -32.32 -7.91
C SER B 81 1.49 -32.97 -7.55
N ALA B 82 0.38 -32.32 -7.84
CA ALA B 82 -0.91 -32.91 -7.52
C ALA B 82 -1.09 -34.22 -8.26
N PRO B 83 -1.71 -35.24 -7.64
CA PRO B 83 -2.10 -35.25 -6.22
C PRO B 83 -0.89 -35.47 -5.32
N ILE B 84 -0.72 -34.63 -4.30
CA ILE B 84 0.46 -34.78 -3.45
C ILE B 84 0.37 -36.09 -2.67
N GLN B 85 1.52 -36.75 -2.48
CA GLN B 85 1.54 -38.06 -1.86
C GLN B 85 2.39 -38.16 -0.61
N ASP B 86 3.16 -37.14 -0.30
CA ASP B 86 4.10 -37.17 0.81
C ASP B 86 4.55 -35.75 1.07
N PRO B 87 5.09 -35.46 2.26
CA PRO B 87 5.47 -34.07 2.57
C PRO B 87 6.43 -33.48 1.56
N ASP B 88 7.32 -34.29 0.99
CA ASP B 88 8.30 -33.75 0.06
C ASP B 88 7.64 -33.18 -1.19
N ASP B 89 6.40 -33.58 -1.49
CA ASP B 89 5.68 -32.99 -2.60
C ASP B 89 5.26 -31.54 -2.34
N LEU B 90 5.21 -31.11 -1.09
CA LEU B 90 4.80 -29.74 -0.77
C LEU B 90 6.04 -28.88 -0.82
N VAL B 91 5.95 -27.73 -1.46
CA VAL B 91 7.08 -26.83 -1.57
C VAL B 91 6.61 -25.41 -1.25
N THR B 92 7.34 -24.72 -0.36
CA THR B 92 7.22 -23.27 -0.19
C THR B 92 8.57 -22.66 -0.52
N ILE B 93 8.58 -21.67 -1.42
CA ILE B 93 9.80 -20.94 -1.80
C ILE B 93 10.02 -19.82 -0.77
N GLY B 94 11.20 -19.81 -0.14
CA GLY B 94 11.50 -18.81 0.88
C GLY B 94 13.00 -18.69 1.02
N VAL B 95 13.47 -18.36 2.22
N VAL B 95 13.46 -18.50 2.26
CA VAL B 95 14.91 -18.29 2.51
CA VAL B 95 14.86 -18.21 2.53
C VAL B 95 15.13 -18.90 3.87
C VAL B 95 15.18 -18.65 3.96
N VAL B 96 16.41 -19.10 4.19
CA VAL B 96 16.83 -19.46 5.52
C VAL B 96 18.02 -18.59 5.92
N TYR B 97 17.94 -18.04 7.14
CA TYR B 97 18.97 -17.16 7.68
C TYR B 97 19.72 -17.88 8.76
N TYR B 98 21.02 -17.58 8.90
CA TYR B 98 21.76 -18.05 10.05
C TYR B 98 22.03 -16.87 10.97
N ILE B 99 21.68 -17.05 12.23
CA ILE B 99 21.90 -16.05 13.27
C ILE B 99 22.97 -16.60 14.20
N PRO B 100 24.12 -15.95 14.32
CA PRO B 100 25.22 -16.46 15.20
C PRO B 100 24.79 -16.53 16.65
N PRO B 101 25.48 -17.35 17.46
CA PRO B 101 25.12 -17.51 18.88
C PRO B 101 24.98 -16.21 19.64
N GLU B 102 25.84 -15.22 19.36
CA GLU B 102 25.79 -13.97 20.09
C GLU B 102 24.48 -13.24 19.90
N HIS B 103 23.74 -13.55 18.83
CA HIS B 103 22.49 -12.88 18.54
C HIS B 103 21.28 -13.79 18.56
N ALA B 104 21.46 -15.09 18.83
CA ALA B 104 20.36 -16.03 18.63
C ALA B 104 19.17 -15.73 19.54
N GLN B 105 19.40 -15.19 20.73
CA GLN B 105 18.26 -14.90 21.60
C GLN B 105 17.37 -13.81 21.03
N GLU B 106 17.83 -13.04 20.05
CA GLU B 106 16.97 -12.04 19.42
C GLU B 106 15.83 -12.65 18.61
N VAL B 107 15.94 -13.93 18.26
CA VAL B 107 14.92 -14.56 17.42
C VAL B 107 13.55 -14.48 18.09
N ARG B 108 13.51 -14.55 19.41
CA ARG B 108 12.26 -14.48 20.15
C ARG B 108 11.60 -13.11 20.07
N GLU B 109 12.27 -12.11 19.50
CA GLU B 109 11.66 -10.79 19.37
C GLU B 109 11.47 -10.33 17.93
N TYR B 110 11.72 -11.19 16.94
CA TYR B 110 11.70 -10.72 15.56
C TYR B 110 10.35 -10.22 15.10
N LEU B 111 9.24 -10.65 15.74
CA LEU B 111 7.96 -10.19 15.24
C LEU B 111 7.56 -8.82 15.78
N ASN B 112 8.37 -8.21 16.66
CA ASN B 112 8.00 -6.93 17.28
C ASN B 112 7.86 -5.82 16.25
N VAL B 113 8.47 -5.98 15.08
CA VAL B 113 8.49 -4.97 14.02
C VAL B 113 7.68 -5.41 12.82
N ARG B 114 6.88 -6.45 12.95
CA ARG B 114 6.17 -6.96 11.77
C ARG B 114 4.85 -7.62 12.22
N GLU B 115 4.26 -8.41 11.32
CA GLU B 115 3.04 -9.15 11.62
C GLU B 115 3.32 -10.08 12.80
N GLN B 116 2.38 -10.10 13.75
CA GLN B 116 2.74 -10.70 15.02
C GLN B 116 1.56 -11.39 15.73
N ASN B 117 0.36 -10.85 15.66
CA ASN B 117 -0.76 -11.44 16.39
C ASN B 117 -0.99 -12.88 15.97
N GLY B 118 -1.00 -13.77 16.95
CA GLY B 118 -1.32 -15.16 16.73
C GLY B 118 -0.18 -16.01 16.21
N TYR B 119 0.99 -15.47 15.97
CA TYR B 119 2.11 -16.28 15.50
C TYR B 119 2.80 -16.88 16.71
N THR B 120 3.25 -18.12 16.56
CA THR B 120 4.06 -18.79 17.56
C THR B 120 5.35 -19.29 16.93
N LEU B 121 6.36 -19.44 17.77
CA LEU B 121 7.69 -19.87 17.34
C LEU B 121 7.84 -21.39 17.47
N HIS B 122 8.34 -22.03 16.41
CA HIS B 122 8.44 -23.48 16.32
C HIS B 122 9.81 -23.88 15.83
N GLU B 123 10.27 -25.06 16.25
CA GLU B 123 11.52 -25.63 15.78
C GLU B 123 11.17 -26.87 14.99
N VAL B 124 11.72 -27.00 13.78
CA VAL B 124 11.35 -28.06 12.86
C VAL B 124 12.60 -28.45 12.10
N GLU B 125 12.70 -29.72 11.75
CA GLU B 125 13.72 -30.20 10.83
C GLU B 125 13.13 -30.19 9.44
N VAL B 126 13.79 -29.50 8.50
N VAL B 126 13.80 -29.51 8.50
CA VAL B 126 13.23 -29.30 7.17
CA VAL B 126 13.23 -29.29 7.17
C VAL B 126 14.21 -29.74 6.09
C VAL B 126 14.19 -29.72 6.08
N HIS B 127 13.66 -30.41 5.08
CA HIS B 127 14.37 -30.70 3.85
C HIS B 127 14.32 -29.47 2.95
N LEU B 128 15.49 -28.92 2.65
CA LEU B 128 15.67 -27.70 1.89
C LEU B 128 16.46 -28.00 0.64
N GLU B 129 16.15 -27.31 -0.44
CA GLU B 129 17.06 -27.26 -1.57
C GLU B 129 17.24 -25.82 -1.99
N THR B 130 18.33 -25.57 -2.70
CA THR B 130 18.65 -24.21 -3.05
C THR B 130 19.13 -24.17 -4.49
N ASN B 131 19.51 -22.97 -4.93
CA ASN B 131 19.96 -22.81 -6.30
C ASN B 131 21.45 -23.11 -6.40
N ARG B 132 21.92 -23.24 -7.65
CA ARG B 132 23.29 -23.67 -7.87
C ARG B 132 24.29 -22.77 -7.16
N GLU B 133 24.01 -21.48 -7.06
CA GLU B 133 24.97 -20.56 -6.46
C GLU B 133 25.12 -20.76 -4.95
N HIS B 134 24.13 -21.39 -4.29
CA HIS B 134 24.18 -21.57 -2.83
C HIS B 134 24.34 -23.02 -2.42
N GLU B 135 24.49 -23.95 -3.36
CA GLU B 135 24.49 -25.37 -3.01
C GLU B 135 25.58 -25.74 -2.01
N ALA B 136 26.80 -25.24 -2.19
CA ALA B 136 27.89 -25.62 -1.28
C ALA B 136 27.68 -25.03 0.11
N GLU B 137 27.15 -23.80 0.15
CA GLU B 137 26.84 -23.16 1.42
C GLU B 137 25.76 -23.93 2.16
N LEU B 138 24.71 -24.35 1.44
CA LEU B 138 23.70 -25.20 2.07
C LEU B 138 24.31 -26.51 2.57
N GLY B 139 25.20 -27.13 1.78
CA GLY B 139 25.78 -28.38 2.20
C GLY B 139 26.61 -28.21 3.47
N GLU B 140 27.30 -27.09 3.60
CA GLU B 140 28.03 -26.83 4.83
C GLU B 140 27.08 -26.69 6.01
N ALA B 141 25.96 -26.01 5.81
CA ALA B 141 25.00 -25.87 6.89
C ALA B 141 24.49 -27.22 7.34
N LEU B 142 24.21 -28.11 6.38
CA LEU B 142 23.69 -29.43 6.71
C LEU B 142 24.71 -30.27 7.47
N GLU B 143 26.02 -30.01 7.27
CA GLU B 143 27.08 -30.86 7.80
C GLU B 143 27.45 -30.53 9.25
N GLN B 144 27.09 -29.36 9.75
CA GLN B 144 27.39 -28.98 11.12
C GLN B 144 26.80 -29.99 12.10
N LEU B 145 25.46 -30.01 12.23
CA LEU B 145 24.78 -30.99 13.07
C LEU B 145 24.00 -31.95 12.18
N PRO B 146 24.65 -32.97 11.61
CA PRO B 146 24.02 -33.73 10.53
C PRO B 146 22.79 -34.49 11.00
N ARG B 147 21.68 -34.29 10.29
CA ARG B 147 20.39 -34.89 10.58
C ARG B 147 19.80 -35.40 9.27
N HIS B 148 19.07 -36.51 9.35
CA HIS B 148 18.37 -37.05 8.20
C HIS B 148 16.92 -37.36 8.60
N ASN B 149 16.01 -37.26 7.64
CA ASN B 149 14.61 -37.60 7.90
C ASN B 149 14.42 -39.10 7.76
N LYS B 150 13.15 -39.53 7.85
CA LYS B 150 12.82 -40.96 7.74
C LYS B 150 13.18 -41.51 6.37
N SER B 151 13.21 -40.67 5.34
CA SER B 151 13.59 -41.11 4.00
C SER B 151 15.09 -40.95 3.71
N GLY B 152 15.89 -40.64 4.72
CA GLY B 152 17.33 -40.55 4.55
C GLY B 152 17.84 -39.23 4.02
N LYS B 153 16.98 -38.34 3.55
CA LYS B 153 17.41 -37.06 3.02
C LYS B 153 17.91 -36.15 4.15
N ARG B 154 18.88 -35.32 3.82
CA ARG B 154 19.47 -34.43 4.81
C ARG B 154 18.49 -33.32 5.16
N VAL B 155 18.42 -32.99 6.45
CA VAL B 155 17.50 -31.95 6.92
C VAL B 155 18.22 -30.97 7.83
N LEU B 156 17.68 -29.74 7.91
CA LEU B 156 18.27 -28.66 8.69
C LEU B 156 17.33 -28.38 9.84
N LEU B 157 17.85 -28.31 11.07
CA LEU B 157 17.04 -27.86 12.21
C LEU B 157 16.89 -26.32 12.11
N THR B 158 15.64 -25.83 12.09
CA THR B 158 15.37 -24.40 11.89
C THR B 158 14.27 -23.96 12.85
N SER B 159 14.25 -22.66 13.12
CA SER B 159 13.16 -22.01 13.82
C SER B 159 12.30 -21.30 12.78
N VAL B 160 11.00 -21.30 13.03
CA VAL B 160 10.07 -20.63 12.12
C VAL B 160 8.89 -20.08 12.93
N TYR B 161 8.36 -18.91 12.54
CA TYR B 161 7.13 -18.38 13.15
C TYR B 161 5.95 -18.72 12.26
N ILE B 162 4.95 -19.36 12.85
CA ILE B 162 3.78 -19.87 12.16
C ILE B 162 2.54 -19.37 12.87
N GLY B 163 1.51 -19.01 12.09
CA GLY B 163 0.17 -18.90 12.65
C GLY B 163 -0.49 -20.25 12.50
N THR B 164 -0.61 -21.03 13.57
CA THR B 164 -1.14 -22.38 13.39
C THR B 164 -2.64 -22.33 13.21
N ILE B 165 -3.22 -23.49 12.87
CA ILE B 165 -4.66 -23.59 12.63
C ILE B 165 -5.51 -23.20 13.84
N ASP B 166 -4.97 -23.28 15.04
CA ASP B 166 -5.74 -22.98 16.24
C ASP B 166 -5.65 -21.54 16.69
N ASN B 167 -4.85 -20.73 16.02
CA ASN B 167 -4.58 -19.42 16.58
C ASN B 167 -5.76 -18.49 16.28
N GLU B 168 -5.96 -17.47 17.12
N GLU B 168 -5.89 -17.45 17.11
CA GLU B 168 -7.13 -16.59 16.99
CA GLU B 168 -7.02 -16.52 17.08
C GLU B 168 -7.20 -15.92 15.61
C GLU B 168 -7.15 -15.83 15.74
N ALA B 169 -6.05 -15.66 14.98
CA ALA B 169 -6.03 -14.88 13.73
C ALA B 169 -6.12 -15.78 12.50
N PHE B 170 -6.18 -17.06 12.67
CA PHE B 170 -6.28 -17.94 11.51
C PHE B 170 -7.63 -17.80 10.85
N VAL B 171 -7.63 -17.71 9.53
CA VAL B 171 -8.89 -17.51 8.81
C VAL B 171 -9.12 -18.56 7.75
N GLY B 172 -8.23 -19.54 7.65
CA GLY B 172 -8.29 -20.52 6.59
C GLY B 172 -9.32 -21.55 6.98
N PRO B 173 -9.73 -22.38 6.00
CA PRO B 173 -9.35 -22.24 4.60
C PRO B 173 -10.18 -21.13 3.98
N GLU B 174 -9.62 -20.52 2.96
CA GLU B 174 -10.26 -19.46 2.23
C GLU B 174 -9.90 -19.66 0.77
N THR B 175 -10.86 -19.43 -0.13
CA THR B 175 -10.56 -19.47 -1.55
C THR B 175 -9.76 -18.22 -1.96
N VAL B 176 -9.07 -18.34 -3.08
CA VAL B 176 -8.34 -17.19 -3.60
C VAL B 176 -9.27 -15.99 -3.82
N ASP B 177 -10.51 -16.24 -4.31
CA ASP B 177 -11.44 -15.12 -4.49
C ASP B 177 -11.75 -14.43 -3.16
N GLU B 178 -12.05 -15.22 -2.11
CA GLU B 178 -12.34 -14.64 -0.81
C GLU B 178 -11.16 -13.85 -0.29
N THR B 179 -9.96 -14.43 -0.36
CA THR B 179 -8.79 -13.76 0.19
C THR B 179 -8.48 -12.50 -0.61
N ALA B 180 -8.56 -12.60 -1.93
CA ALA B 180 -8.25 -11.46 -2.80
C ALA B 180 -9.18 -10.29 -2.55
N LYS B 181 -10.47 -10.56 -2.29
CA LYS B 181 -11.42 -9.48 -2.02
C LYS B 181 -10.97 -8.69 -0.80
N VAL B 182 -10.42 -9.37 0.21
CA VAL B 182 -9.94 -8.66 1.40
C VAL B 182 -8.67 -7.89 1.08
N ILE B 183 -7.70 -8.57 0.45
CA ILE B 183 -6.43 -7.94 0.18
C ILE B 183 -6.60 -6.69 -0.65
N ALA B 184 -7.55 -6.72 -1.59
CA ALA B 184 -7.69 -5.60 -2.53
C ALA B 184 -8.19 -4.34 -1.84
N VAL B 185 -8.86 -4.43 -0.70
CA VAL B 185 -9.41 -3.26 -0.02
C VAL B 185 -8.73 -2.91 1.30
N SER B 186 -7.91 -3.80 1.87
N SER B 186 -7.88 -3.78 1.85
CA SER B 186 -7.46 -3.60 3.22
CA SER B 186 -7.44 -3.63 3.22
C SER B 186 -6.18 -2.76 3.25
C SER B 186 -6.12 -2.88 3.32
N HIS B 187 -6.00 -2.03 4.34
CA HIS B 187 -4.73 -1.37 4.59
C HIS B 187 -4.62 -1.13 6.09
N GLY B 188 -3.40 -0.99 6.59
CA GLY B 188 -3.22 -0.61 7.95
C GLY B 188 -2.03 0.31 8.07
N PRO B 189 -1.50 0.43 9.28
CA PRO B 189 -0.39 1.36 9.51
C PRO B 189 0.84 1.09 8.69
N SER B 190 1.06 -0.17 8.26
CA SER B 190 2.24 -0.43 7.45
C SER B 190 2.04 -0.13 5.97
N GLY B 191 0.81 0.10 5.54
CA GLY B 191 0.50 0.33 4.15
C GLY B 191 -0.55 -0.64 3.70
N SER B 192 -0.77 -0.68 2.40
CA SER B 192 -1.87 -1.44 1.87
C SER B 192 -1.56 -2.95 1.97
N ASN B 193 -2.60 -3.74 2.10
CA ASN B 193 -2.40 -5.19 2.05
C ASN B 193 -1.84 -5.61 0.68
N TYR B 194 -2.22 -4.87 -0.37
CA TYR B 194 -1.69 -5.16 -1.70
C TYR B 194 -0.19 -4.99 -1.75
N GLU B 195 0.34 -3.97 -1.07
CA GLU B 195 1.80 -3.75 -1.03
C GLU B 195 2.51 -4.94 -0.37
N TYR B 196 1.93 -5.51 0.69
CA TYR B 196 2.54 -6.66 1.32
C TYR B 196 2.64 -7.82 0.32
N LEU B 197 1.55 -8.11 -0.40
CA LEU B 197 1.57 -9.15 -1.40
C LEU B 197 2.60 -8.83 -2.49
N ALA B 198 2.59 -7.59 -3.01
CA ALA B 198 3.52 -7.23 -4.07
C ALA B 198 4.96 -7.35 -3.62
N LYS B 199 5.26 -6.93 -2.38
CA LYS B 199 6.64 -7.06 -1.88
C LYS B 199 7.08 -8.51 -1.80
N LEU B 200 6.20 -9.41 -1.39
CA LEU B 200 6.54 -10.83 -1.37
C LEU B 200 6.81 -11.34 -2.77
N GLU B 201 5.94 -10.99 -3.73
CA GLU B 201 6.14 -11.45 -5.11
C GLU B 201 7.46 -10.91 -5.67
N GLN B 202 7.80 -9.65 -5.36
CA GLN B 202 9.02 -9.07 -5.87
C GLN B 202 10.21 -9.82 -5.31
N ALA B 203 10.16 -10.09 -4.02
CA ALA B 203 11.27 -10.76 -3.35
C ALA B 203 11.47 -12.15 -3.93
N LEU B 204 10.40 -12.87 -4.24
CA LEU B 204 10.54 -14.18 -4.85
C LEU B 204 11.08 -14.08 -6.27
N ALA B 205 10.68 -13.07 -7.02
CA ALA B 205 11.19 -12.89 -8.38
C ALA B 205 12.67 -12.55 -8.40
N GLN B 206 13.18 -11.94 -7.33
CA GLN B 206 14.58 -11.59 -7.27
C GLN B 206 15.45 -12.78 -6.90
N MET B 207 14.83 -13.93 -6.63
CA MET B 207 15.51 -15.09 -6.06
C MET B 207 15.25 -16.36 -6.85
N PRO B 208 15.58 -16.36 -8.14
CA PRO B 208 15.26 -17.52 -8.98
C PRO B 208 15.93 -18.80 -8.49
N ILE B 209 15.14 -19.86 -8.38
CA ILE B 209 15.63 -21.22 -8.19
C ILE B 209 15.09 -22.05 -9.34
N MET B 210 16.00 -22.59 -10.17
CA MET B 210 15.59 -23.32 -11.34
C MET B 210 15.14 -24.73 -11.00
N ARG B 215 12.28 -23.41 -13.65
CA ARG B 215 12.06 -22.35 -12.65
C ARG B 215 10.82 -22.57 -11.78
N ILE B 216 11.05 -22.64 -10.47
CA ILE B 216 9.98 -22.94 -9.52
C ILE B 216 9.21 -21.67 -9.27
N THR B 217 7.88 -21.73 -9.40
CA THR B 217 7.01 -20.61 -9.09
C THR B 217 5.93 -21.04 -8.10
N ASP B 218 5.30 -20.07 -7.49
CA ASP B 218 4.25 -20.33 -6.53
C ASP B 218 2.91 -20.05 -7.22
N HIS B 219 2.23 -21.11 -7.68
CA HIS B 219 0.98 -20.92 -8.42
C HIS B 219 -0.11 -20.31 -7.55
N TYR B 220 -0.12 -20.60 -6.25
CA TYR B 220 -1.10 -19.98 -5.36
C TYR B 220 -0.91 -18.47 -5.31
N LEU B 221 0.35 -18.01 -5.14
CA LEU B 221 0.58 -16.57 -5.09
C LEU B 221 0.28 -15.91 -6.43
N THR B 222 0.61 -16.59 -7.53
CA THR B 222 0.30 -16.02 -8.83
C THR B 222 -1.22 -15.86 -9.00
N ALA B 223 -1.99 -16.87 -8.62
CA ALA B 223 -3.45 -16.77 -8.71
C ALA B 223 -3.98 -15.70 -7.77
N LEU B 224 -3.41 -15.61 -6.56
CA LEU B 224 -3.86 -14.61 -5.60
C LEU B 224 -3.62 -13.20 -6.15
N LEU B 225 -2.42 -12.94 -6.66
CA LEU B 225 -2.09 -11.62 -7.19
C LEU B 225 -2.95 -11.29 -8.41
N GLU B 226 -3.13 -12.25 -9.33
CA GLU B 226 -3.99 -12.04 -10.48
C GLU B 226 -5.39 -11.65 -10.05
N THR B 227 -5.92 -12.34 -9.03
CA THR B 227 -7.29 -12.06 -8.60
C THR B 227 -7.38 -10.71 -7.88
N VAL B 228 -6.40 -10.39 -7.04
CA VAL B 228 -6.33 -9.07 -6.42
C VAL B 228 -6.31 -7.99 -7.50
N ASN B 229 -5.51 -8.18 -8.54
CA ASN B 229 -5.45 -7.19 -9.60
C ASN B 229 -6.80 -7.04 -10.30
N LYS B 230 -7.53 -8.14 -10.49
CA LYS B 230 -8.85 -8.03 -11.11
C LYS B 230 -9.79 -7.20 -10.25
N TYR B 231 -9.75 -7.37 -8.92
CA TYR B 231 -10.57 -6.57 -8.03
C TYR B 231 -10.15 -5.11 -8.04
N ARG B 232 -8.85 -4.85 -8.16
CA ARG B 232 -8.38 -3.48 -8.15
CA ARG B 232 -8.40 -3.46 -8.16
C ARG B 232 -8.65 -2.77 -9.48
N HIS B 233 -8.76 -3.51 -10.58
CA HIS B 233 -8.88 -2.91 -11.92
C HIS B 233 -10.22 -2.23 -12.14
#